data_4TSD
#
_entry.id   4TSD
#
_cell.length_a   44.788
_cell.length_b   77.490
_cell.length_c   99.134
_cell.angle_alpha   90.00
_cell.angle_beta   90.00
_cell.angle_gamma   90.00
#
_symmetry.space_group_name_H-M   'P 21 21 21'
#
loop_
_entity.id
_entity.type
_entity.pdbx_description
1 polymer HP1029
2 non-polymer 'ZINC ION'
3 non-polymer 1,2-ETHANEDIOL
4 water water
#
_entity_poly.entity_id   1
_entity_poly.type   'polypeptide(L)'
_entity_poly.pdbx_seq_one_letter_code
;MAIFGELSSLGHLFKKTQELEILHEYLKEVMQKGSKANQRVLNLATNTEFQVPLGHGIFSIEQSYCLEHAKESEKGFFES
HKKYVDFQLIVKGVEGAKAVGINQAVIKNPYDEKRDLIVYEPVSEASFLRLHAGMLAIFFENDAHALRFYGESFEKYREE
PIFKAVVKAPKGLIKLKLAAENLYFQGIDHHHHHH
;
_entity_poly.pdbx_strand_id   B,A
#
# COMPACT_ATOMS: atom_id res chain seq x y z
N ALA A 2 -0.39 -3.91 -3.55
CA ALA A 2 -1.03 -3.98 -2.23
C ALA A 2 -1.81 -2.70 -1.95
N ILE A 3 -2.88 -2.83 -1.18
CA ILE A 3 -3.67 -1.72 -0.68
C ILE A 3 -3.60 -1.74 0.85
N PHE A 4 -3.47 -0.58 1.49
CA PHE A 4 -3.61 -0.59 2.93
C PHE A 4 -4.18 0.75 3.39
N GLY A 5 -4.87 0.69 4.53
CA GLY A 5 -5.49 1.87 5.10
C GLY A 5 -6.47 1.50 6.20
N GLU A 6 -7.06 2.52 6.81
CA GLU A 6 -8.08 2.31 7.82
C GLU A 6 -9.34 1.72 7.18
N LEU A 7 -9.89 0.66 7.77
CA LEU A 7 -11.14 0.09 7.25
C LEU A 7 -12.21 1.18 7.13
N SER A 8 -12.28 2.07 8.11
CA SER A 8 -13.31 3.11 8.12
C SER A 8 -13.09 4.16 7.03
N SER A 9 -11.90 4.18 6.43
CA SER A 9 -11.60 5.09 5.33
C SER A 9 -11.67 4.39 3.98
N LEU A 10 -11.95 3.09 4.00
CA LEU A 10 -11.87 2.28 2.79
C LEU A 10 -13.21 1.67 2.41
N GLY A 11 -14.30 2.14 3.02
CA GLY A 11 -15.61 1.59 2.75
C GLY A 11 -16.05 1.65 1.30
N HIS A 12 -15.61 2.70 0.61
CA HIS A 12 -16.00 2.91 -0.79
C HIS A 12 -15.50 1.81 -1.73
N LEU A 13 -14.49 1.05 -1.29
CA LEU A 13 -13.95 -0.04 -2.08
C LEU A 13 -14.92 -1.18 -2.30
N PHE A 14 -15.85 -1.34 -1.36
CA PHE A 14 -16.69 -2.54 -1.28
C PHE A 14 -18.06 -2.35 -1.90
N LYS A 15 -18.13 -1.43 -2.85
CA LYS A 15 -19.40 -1.11 -3.47
C LYS A 15 -19.63 -1.82 -4.80
N LYS A 16 -20.90 -1.85 -5.18
CA LYS A 16 -21.44 -2.35 -6.46
C LYS A 16 -21.48 -3.86 -6.75
N THR A 17 -21.14 -4.72 -5.79
CA THR A 17 -21.52 -6.13 -5.89
C THR A 17 -22.03 -6.64 -4.55
N GLN A 18 -22.97 -7.56 -4.60
CA GLN A 18 -23.53 -8.13 -3.37
C GLN A 18 -22.42 -8.86 -2.61
N GLU A 19 -21.50 -9.49 -3.34
CA GLU A 19 -20.44 -10.26 -2.70
C GLU A 19 -19.47 -9.37 -1.91
N LEU A 20 -19.17 -8.18 -2.42
CA LEU A 20 -18.25 -7.29 -1.72
C LEU A 20 -18.96 -6.68 -0.53
N GLU A 21 -20.27 -6.57 -0.63
CA GLU A 21 -21.10 -6.02 0.42
C GLU A 21 -21.07 -6.98 1.63
N ILE A 22 -21.18 -8.27 1.34
CA ILE A 22 -21.14 -9.33 2.35
C ILE A 22 -19.75 -9.35 3.01
N LEU A 23 -18.70 -9.24 2.22
CA LEU A 23 -17.35 -9.15 2.75
C LEU A 23 -17.21 -7.95 3.70
N HIS A 24 -17.66 -6.80 3.23
CA HIS A 24 -17.57 -5.57 4.01
C HIS A 24 -18.34 -5.67 5.31
N GLU A 25 -19.53 -6.27 5.25
CA GLU A 25 -20.35 -6.42 6.46
C GLU A 25 -19.63 -7.21 7.53
N TYR A 26 -18.92 -8.27 7.11
CA TYR A 26 -18.17 -9.07 8.07
C TYR A 26 -17.03 -8.26 8.68
N LEU A 27 -16.29 -7.54 7.84
CA LEU A 27 -15.15 -6.75 8.31
C LEU A 27 -15.62 -5.74 9.35
N LYS A 28 -16.75 -5.08 9.08
CA LYS A 28 -17.25 -4.11 10.03
C LYS A 28 -17.72 -4.77 11.32
N GLU A 29 -18.41 -5.92 11.21
CA GLU A 29 -18.90 -6.61 12.39
C GLU A 29 -17.74 -7.04 13.29
N VAL A 30 -16.65 -7.52 12.69
CA VAL A 30 -15.55 -7.99 13.52
C VAL A 30 -14.93 -6.83 14.32
N MET A 31 -14.95 -5.63 13.75
CA MET A 31 -14.40 -4.47 14.48
C MET A 31 -15.35 -3.91 15.53
N GLN A 32 -16.61 -4.28 15.48
CA GLN A 32 -17.58 -3.71 16.41
C GLN A 32 -17.58 -4.42 17.77
N LYS A 33 -17.13 -3.71 18.79
CA LYS A 33 -17.06 -4.29 20.14
C LYS A 33 -18.39 -4.89 20.58
N GLY A 34 -18.38 -6.16 20.94
CA GLY A 34 -19.55 -6.80 21.50
C GLY A 34 -20.35 -7.58 20.49
N SER A 35 -20.03 -7.41 19.21
CA SER A 35 -20.71 -8.16 18.18
C SER A 35 -20.36 -9.63 18.33
N LYS A 36 -21.16 -10.49 17.69
CA LYS A 36 -20.90 -11.92 17.70
C LYS A 36 -19.50 -12.24 17.17
N ALA A 37 -19.15 -11.63 16.04
CA ALA A 37 -17.85 -11.89 15.41
C ALA A 37 -16.69 -11.33 16.24
N ASN A 38 -16.87 -10.13 16.77
CA ASN A 38 -15.85 -9.53 17.61
C ASN A 38 -15.55 -10.37 18.85
N GLN A 39 -16.60 -10.86 19.52
CA GLN A 39 -16.41 -11.70 20.70
C GLN A 39 -15.71 -12.99 20.34
N ARG A 40 -16.10 -13.57 19.21
CA ARG A 40 -15.55 -14.84 18.77
C ARG A 40 -14.04 -14.70 18.52
N VAL A 41 -13.65 -13.61 17.86
CA VAL A 41 -12.23 -13.38 17.58
C VAL A 41 -11.44 -13.16 18.87
N LEU A 42 -11.94 -12.28 19.73
CA LEU A 42 -11.20 -11.95 20.95
C LEU A 42 -11.15 -13.05 22.01
N ASN A 43 -11.96 -14.10 21.86
CA ASN A 43 -11.94 -15.23 22.77
C ASN A 43 -10.99 -16.36 22.34
N LEU A 44 -10.34 -16.20 21.18
CA LEU A 44 -9.40 -17.20 20.71
C LEU A 44 -8.19 -17.36 21.64
N ALA A 45 -7.86 -18.61 21.94
CA ALA A 45 -6.60 -18.92 22.60
C ALA A 45 -5.44 -18.56 21.70
N THR A 46 -4.31 -18.19 22.29
CA THR A 46 -3.13 -17.82 21.52
C THR A 46 -2.63 -18.99 20.68
N ASN A 47 -2.15 -18.68 19.48
CA ASN A 47 -1.66 -19.67 18.53
C ASN A 47 -2.74 -20.61 18.06
N THR A 48 -3.96 -20.10 17.95
CA THR A 48 -5.04 -20.86 17.33
C THR A 48 -5.69 -20.04 16.24
N GLU A 49 -6.45 -20.71 15.39
CA GLU A 49 -7.22 -20.03 14.36
C GLU A 49 -8.56 -20.75 14.18
N PHE A 50 -9.49 -20.06 13.52
CA PHE A 50 -10.84 -20.56 13.36
C PHE A 50 -11.41 -20.07 12.01
N GLN A 51 -12.00 -20.98 11.23
CA GLN A 51 -12.49 -20.60 9.90
C GLN A 51 -13.99 -20.40 9.86
N VAL A 52 -14.41 -19.30 9.24
CA VAL A 52 -15.81 -18.91 9.16
C VAL A 52 -16.21 -18.74 7.70
N PRO A 53 -17.15 -19.55 7.21
CA PRO A 53 -17.58 -19.37 5.81
C PRO A 53 -18.52 -18.16 5.69
N LEU A 54 -18.38 -17.36 4.64
CA LEU A 54 -19.20 -16.16 4.54
C LEU A 54 -20.09 -16.21 3.31
N GLY A 55 -20.00 -17.31 2.56
CA GLY A 55 -20.71 -17.45 1.30
C GLY A 55 -19.91 -16.97 0.09
N HIS A 56 -20.36 -17.37 -1.09
CA HIS A 56 -19.73 -16.99 -2.36
C HIS A 56 -18.27 -17.40 -2.44
N GLY A 57 -17.90 -18.46 -1.73
CA GLY A 57 -16.52 -18.93 -1.75
C GLY A 57 -15.61 -18.13 -0.83
N ILE A 58 -16.16 -17.11 -0.16
CA ILE A 58 -15.41 -16.28 0.75
C ILE A 58 -15.37 -16.91 2.14
N PHE A 59 -14.21 -16.88 2.80
CA PHE A 59 -14.16 -17.36 4.19
C PHE A 59 -13.12 -16.59 4.98
N SER A 60 -13.34 -16.48 6.29
CA SER A 60 -12.39 -15.77 7.14
C SER A 60 -11.62 -16.74 8.01
N ILE A 61 -10.32 -16.50 8.13
CA ILE A 61 -9.48 -17.22 9.07
C ILE A 61 -9.21 -16.28 10.24
N GLU A 62 -9.94 -16.49 11.32
CA GLU A 62 -9.79 -15.68 12.52
C GLU A 62 -8.62 -16.23 13.31
N GLN A 63 -7.74 -15.36 13.80
CA GLN A 63 -6.47 -15.80 14.37
C GLN A 63 -6.02 -14.96 15.55
N SER A 64 -5.27 -15.60 16.44
CA SER A 64 -4.59 -14.88 17.49
C SER A 64 -3.20 -15.48 17.70
N TYR A 65 -2.21 -14.61 17.83
CA TYR A 65 -0.84 -15.04 18.10
C TYR A 65 0.02 -13.87 18.56
N CYS A 66 1.19 -14.18 19.10
CA CYS A 66 2.16 -13.15 19.45
C CYS A 66 3.09 -12.92 18.26
N LEU A 67 3.65 -11.72 18.20
CA LEU A 67 4.58 -11.39 17.14
C LEU A 67 5.90 -12.13 17.36
N GLU A 68 6.54 -12.52 16.25
CA GLU A 68 7.69 -13.40 16.32
C GLU A 68 9.00 -12.80 15.85
N HIS A 69 8.95 -11.98 14.81
CA HIS A 69 10.15 -11.57 14.09
C HIS A 69 10.45 -10.10 14.24
N ALA A 70 11.68 -9.77 14.61
CA ALA A 70 12.12 -8.38 14.59
C ALA A 70 12.05 -7.91 13.15
N LYS A 71 11.65 -6.65 12.94
CA LYS A 71 11.53 -6.16 11.58
C LYS A 71 12.89 -6.14 10.92
N GLU A 72 13.93 -5.88 11.70
CA GLU A 72 15.30 -5.88 11.20
C GLU A 72 15.88 -7.27 11.28
N SER A 73 15.25 -8.23 10.60
CA SER A 73 15.74 -9.59 10.59
C SER A 73 15.41 -10.29 9.27
N GLU A 74 15.97 -11.48 9.10
CA GLU A 74 15.75 -12.26 7.89
C GLU A 74 14.68 -13.30 8.11
N LYS A 75 13.93 -13.15 9.19
CA LYS A 75 12.90 -14.13 9.47
C LYS A 75 11.65 -13.79 8.68
N GLY A 76 10.64 -14.61 8.82
CA GLY A 76 9.41 -14.37 8.13
C GLY A 76 9.15 -15.36 7.02
N PHE A 77 7.88 -15.67 6.88
CA PHE A 77 7.40 -16.59 5.87
C PHE A 77 6.80 -15.76 4.75
N PHE A 78 7.53 -15.65 3.65
CA PHE A 78 7.11 -14.82 2.51
C PHE A 78 6.33 -15.66 1.50
N GLU A 79 5.11 -15.25 1.21
CA GLU A 79 4.19 -16.06 0.41
C GLU A 79 3.35 -15.22 -0.54
N SER A 80 2.82 -15.85 -1.57
CA SER A 80 1.79 -15.22 -2.37
C SER A 80 0.77 -16.27 -2.80
N HIS A 81 -0.35 -15.81 -3.32
CA HIS A 81 -1.48 -16.65 -3.68
C HIS A 81 -1.93 -16.42 -5.11
N LYS A 82 -2.75 -17.32 -5.63
CA LYS A 82 -3.35 -17.13 -6.95
C LYS A 82 -4.88 -17.16 -6.92
N LYS A 83 -5.46 -18.15 -6.24
CA LYS A 83 -6.91 -18.32 -6.20
C LYS A 83 -7.64 -17.27 -5.38
N TYR A 84 -6.99 -16.78 -4.33
CA TYR A 84 -7.63 -15.87 -3.39
C TYR A 84 -6.87 -14.57 -3.24
N VAL A 85 -7.63 -13.53 -2.94
CA VAL A 85 -7.13 -12.24 -2.46
C VAL A 85 -7.26 -12.21 -0.94
N ASP A 86 -6.21 -11.76 -0.25
CA ASP A 86 -6.24 -11.63 1.21
C ASP A 86 -6.79 -10.28 1.62
N PHE A 87 -7.73 -10.28 2.54
CA PHE A 87 -8.13 -9.07 3.25
C PHE A 87 -7.72 -9.24 4.71
N GLN A 88 -6.60 -8.63 5.10
CA GLN A 88 -6.07 -8.80 6.45
C GLN A 88 -6.46 -7.65 7.33
N LEU A 89 -7.28 -7.93 8.34
CA LEU A 89 -7.81 -6.91 9.21
C LEU A 89 -7.33 -7.14 10.64
N ILE A 90 -6.65 -6.14 11.20
CA ILE A 90 -6.21 -6.24 12.58
C ILE A 90 -7.33 -5.82 13.51
N VAL A 91 -7.73 -6.71 14.41
CA VAL A 91 -8.85 -6.45 15.30
C VAL A 91 -8.39 -5.87 16.64
N LYS A 92 -7.26 -6.36 17.13
CA LYS A 92 -6.70 -5.86 18.40
C LYS A 92 -5.19 -6.01 18.33
N GLY A 93 -4.47 -4.96 18.73
CA GLY A 93 -3.01 -5.03 18.69
C GLY A 93 -2.43 -4.32 17.49
N VAL A 94 -1.16 -4.57 17.23
CA VAL A 94 -0.43 -4.00 16.10
C VAL A 94 0.39 -5.12 15.48
N GLU A 95 0.42 -5.20 14.15
CA GLU A 95 1.24 -6.18 13.46
C GLU A 95 2.04 -5.53 12.34
N GLY A 96 3.29 -5.94 12.18
CA GLY A 96 4.11 -5.54 11.06
C GLY A 96 3.99 -6.54 9.93
N ALA A 97 3.78 -6.02 8.72
CA ALA A 97 3.73 -6.85 7.53
C ALA A 97 4.76 -6.36 6.52
N LYS A 98 5.49 -7.28 5.90
CA LYS A 98 6.37 -6.90 4.80
C LYS A 98 5.74 -7.29 3.48
N ALA A 99 5.88 -6.42 2.49
CA ALA A 99 5.33 -6.70 1.17
C ALA A 99 6.31 -6.31 0.09
N VAL A 100 6.43 -7.19 -0.90
CA VAL A 100 7.31 -6.95 -2.03
C VAL A 100 6.64 -7.55 -3.28
N GLY A 101 6.92 -6.99 -4.44
CA GLY A 101 6.35 -7.52 -5.66
C GLY A 101 6.93 -8.91 -5.90
N ILE A 102 6.11 -9.82 -6.42
CA ILE A 102 6.58 -11.19 -6.62
C ILE A 102 7.71 -11.22 -7.64
N ASN A 103 7.77 -10.23 -8.53
CA ASN A 103 8.86 -10.19 -9.50
C ASN A 103 10.19 -9.81 -8.90
N GLN A 104 10.21 -9.32 -7.67
CA GLN A 104 11.50 -9.05 -7.02
C GLN A 104 11.83 -10.16 -6.02
N ALA A 105 10.96 -11.15 -5.86
CA ALA A 105 11.26 -12.18 -4.89
C ALA A 105 11.74 -13.45 -5.63
N VAL A 106 12.54 -14.25 -4.93
CA VAL A 106 13.05 -15.49 -5.44
C VAL A 106 12.17 -16.62 -4.94
N ILE A 107 11.64 -17.41 -5.86
CA ILE A 107 10.80 -18.53 -5.49
C ILE A 107 11.60 -19.62 -4.77
N LYS A 108 11.07 -20.03 -3.63
CA LYS A 108 11.64 -21.13 -2.85
C LYS A 108 10.84 -22.41 -3.10
N ASN A 109 9.52 -22.32 -2.94
CA ASN A 109 8.60 -23.44 -3.23
C ASN A 109 7.63 -23.03 -4.32
N PRO A 110 7.67 -23.72 -5.47
CA PRO A 110 6.75 -23.36 -6.55
C PRO A 110 5.29 -23.54 -6.12
N TYR A 111 4.38 -22.93 -6.87
CA TYR A 111 2.97 -22.92 -6.55
C TYR A 111 2.41 -24.29 -6.22
N ASP A 112 1.73 -24.36 -5.07
CA ASP A 112 1.03 -25.55 -4.58
C ASP A 112 -0.45 -25.22 -4.71
N GLU A 113 -1.11 -25.84 -5.68
CA GLU A 113 -2.51 -25.52 -5.96
C GLU A 113 -3.43 -25.90 -4.78
N LYS A 114 -3.10 -27.00 -4.09
CA LYS A 114 -3.92 -27.47 -2.98
C LYS A 114 -4.00 -26.44 -1.87
N ARG A 115 -2.89 -25.77 -1.62
CA ARG A 115 -2.84 -24.80 -0.53
C ARG A 115 -2.84 -23.36 -1.00
N ASP A 116 -2.89 -23.18 -2.31
CA ASP A 116 -2.88 -21.87 -2.96
C ASP A 116 -1.73 -20.96 -2.50
N LEU A 117 -0.52 -21.48 -2.64
CA LEU A 117 0.66 -20.91 -2.01
C LEU A 117 1.89 -21.01 -2.89
N ILE A 118 2.58 -19.88 -3.04
CA ILE A 118 3.97 -19.84 -3.49
C ILE A 118 4.79 -19.35 -2.31
N VAL A 119 5.93 -19.99 -2.04
CA VAL A 119 6.82 -19.54 -0.96
C VAL A 119 8.09 -18.93 -1.53
N TYR A 120 8.51 -17.80 -0.97
CA TYR A 120 9.70 -17.10 -1.46
C TYR A 120 10.81 -17.08 -0.44
N GLU A 121 12.04 -16.86 -0.91
CA GLU A 121 13.14 -16.51 -0.02
C GLU A 121 12.85 -15.15 0.60
N PRO A 122 13.33 -14.92 1.83
CA PRO A 122 12.99 -13.64 2.45
C PRO A 122 13.54 -12.41 1.71
N VAL A 123 12.74 -11.36 1.69
CA VAL A 123 13.18 -10.04 1.25
C VAL A 123 13.07 -9.11 2.44
N SER A 124 14.12 -9.06 3.24
CA SER A 124 14.07 -8.39 4.54
C SER A 124 13.87 -6.89 4.46
N GLU A 125 14.32 -6.27 3.36
CA GLU A 125 14.26 -4.82 3.21
C GLU A 125 12.98 -4.34 2.54
N ALA A 126 12.03 -5.25 2.34
CA ALA A 126 10.75 -4.92 1.73
C ALA A 126 10.05 -3.76 2.42
N SER A 127 9.04 -3.19 1.75
CA SER A 127 8.17 -2.22 2.40
C SER A 127 7.59 -2.81 3.68
N PHE A 128 7.41 -1.96 4.68
CA PHE A 128 6.95 -2.42 5.99
C PHE A 128 5.67 -1.71 6.35
N LEU A 129 4.59 -2.46 6.51
CA LEU A 129 3.31 -1.89 6.88
C LEU A 129 3.09 -2.08 8.38
N ARG A 130 2.82 -0.99 9.07
CA ARG A 130 2.52 -1.01 10.49
C ARG A 130 1.02 -1.01 10.65
N LEU A 131 0.47 -2.19 10.89
CA LEU A 131 -0.98 -2.37 10.88
C LEU A 131 -1.55 -2.36 12.30
N HIS A 132 -2.09 -1.23 12.74
CA HIS A 132 -2.73 -1.18 14.06
C HIS A 132 -4.19 -1.58 13.93
N ALA A 133 -4.86 -1.74 15.07
CA ALA A 133 -6.25 -2.22 15.09
C ALA A 133 -7.12 -1.32 14.24
N GLY A 134 -7.92 -1.93 13.37
CA GLY A 134 -8.77 -1.17 12.48
C GLY A 134 -8.18 -0.97 11.09
N MET A 135 -6.92 -1.34 10.91
N MET A 135 -6.91 -1.36 10.92
CA MET A 135 -6.29 -1.25 9.59
CA MET A 135 -6.24 -1.29 9.63
C MET A 135 -6.43 -2.52 8.77
C MET A 135 -6.55 -2.51 8.78
N LEU A 136 -6.58 -2.32 7.47
CA LEU A 136 -6.81 -3.37 6.52
C LEU A 136 -5.66 -3.39 5.52
N ALA A 137 -5.09 -4.56 5.25
CA ALA A 137 -4.14 -4.71 4.15
C ALA A 137 -4.71 -5.71 3.18
N ILE A 138 -4.68 -5.35 1.90
CA ILE A 138 -5.21 -6.23 0.87
C ILE A 138 -4.07 -6.68 -0.01
N PHE A 139 -3.85 -7.99 -0.07
CA PHE A 139 -2.73 -8.54 -0.84
C PHE A 139 -3.28 -9.33 -2.02
N PHE A 140 -2.88 -8.92 -3.21
CA PHE A 140 -3.28 -9.56 -4.45
C PHE A 140 -2.19 -10.51 -4.94
N GLU A 141 -2.41 -11.16 -6.07
CA GLU A 141 -1.46 -12.16 -6.58
C GLU A 141 -0.05 -11.62 -6.78
N ASN A 142 0.11 -10.33 -7.10
CA ASN A 142 1.44 -9.82 -7.29
C ASN A 142 2.14 -9.39 -5.99
N ASP A 143 1.46 -9.50 -4.86
CA ASP A 143 2.01 -9.07 -3.57
C ASP A 143 2.56 -10.23 -2.74
N ALA A 144 3.88 -10.42 -2.73
CA ALA A 144 4.46 -11.38 -1.79
C ALA A 144 4.44 -10.72 -0.42
N HIS A 145 4.08 -11.46 0.60
CA HIS A 145 3.89 -10.86 1.91
C HIS A 145 4.33 -11.78 3.03
N ALA A 146 4.79 -11.16 4.12
CA ALA A 146 5.25 -11.88 5.30
C ALA A 146 4.73 -11.19 6.53
N LEU A 147 4.17 -11.95 7.46
CA LEU A 147 3.52 -11.37 8.62
C LEU A 147 4.27 -11.67 9.93
N ARG A 148 3.69 -11.22 11.04
CA ARG A 148 4.17 -11.51 12.41
C ARG A 148 5.44 -10.76 12.80
N PHE A 149 5.66 -9.61 12.20
CA PHE A 149 6.79 -8.77 12.59
C PHE A 149 6.45 -7.80 13.71
N TYR A 150 7.42 -7.54 14.58
CA TYR A 150 7.28 -6.47 15.55
C TYR A 150 8.30 -5.37 15.26
N GLY A 151 7.95 -4.14 15.64
CA GLY A 151 8.88 -3.03 15.61
C GLY A 151 9.02 -2.52 17.02
N GLU A 152 10.01 -1.67 17.28
CA GLU A 152 10.31 -1.28 18.65
C GLU A 152 9.12 -0.55 19.29
N SER A 153 8.34 0.15 18.48
CA SER A 153 7.21 0.92 18.99
C SER A 153 6.02 0.05 19.41
N PHE A 154 6.00 -1.23 19.03
CA PHE A 154 4.91 -2.10 19.47
C PHE A 154 5.43 -3.48 19.90
N GLU A 155 6.58 -3.45 20.56
CA GLU A 155 7.27 -4.67 20.96
C GLU A 155 6.49 -5.45 22.01
N LYS A 156 5.53 -4.80 22.65
CA LYS A 156 4.79 -5.49 23.71
C LYS A 156 3.96 -6.65 23.16
N TYR A 157 3.69 -6.66 21.85
CA TYR A 157 2.88 -7.72 21.27
C TYR A 157 3.74 -8.95 20.97
N ARG A 158 4.98 -8.93 21.42
CA ARG A 158 5.79 -10.14 21.48
C ARG A 158 5.32 -11.05 22.62
N GLU A 159 4.69 -10.46 23.62
CA GLU A 159 4.35 -11.20 24.83
C GLU A 159 2.84 -11.21 25.05
N GLU A 160 2.19 -10.22 24.45
CA GLU A 160 0.75 -10.07 24.45
C GLU A 160 0.21 -10.34 23.05
N PRO A 161 -0.78 -11.24 22.92
CA PRO A 161 -1.21 -11.62 21.57
C PRO A 161 -1.94 -10.54 20.79
N ILE A 162 -1.80 -10.58 19.47
CA ILE A 162 -2.69 -9.80 18.62
C ILE A 162 -3.88 -10.64 18.15
N PHE A 163 -4.89 -9.97 17.63
CA PHE A 163 -6.08 -10.63 17.11
C PHE A 163 -6.38 -10.08 15.73
N LYS A 164 -6.71 -10.96 14.79
CA LYS A 164 -6.92 -10.51 13.42
C LYS A 164 -7.82 -11.47 12.64
N ALA A 165 -8.27 -11.02 11.47
CA ALA A 165 -8.93 -11.92 10.53
C ALA A 165 -8.20 -11.83 9.19
N VAL A 166 -7.94 -12.97 8.56
CA VAL A 166 -7.47 -12.97 7.19
C VAL A 166 -8.62 -13.49 6.36
N VAL A 167 -9.28 -12.61 5.62
CA VAL A 167 -10.44 -13.04 4.83
C VAL A 167 -9.98 -13.36 3.42
N LYS A 168 -10.33 -14.56 2.97
CA LYS A 168 -9.96 -15.07 1.66
C LYS A 168 -11.12 -14.88 0.71
N ALA A 169 -10.89 -14.10 -0.33
CA ALA A 169 -11.92 -13.89 -1.34
C ALA A 169 -11.44 -14.42 -2.67
N PRO A 170 -12.29 -15.23 -3.34
CA PRO A 170 -11.94 -15.71 -4.67
C PRO A 170 -11.60 -14.58 -5.62
N LYS A 171 -10.52 -14.78 -6.39
CA LYS A 171 -10.02 -13.73 -7.27
C LYS A 171 -11.09 -13.18 -8.23
N GLY A 172 -12.00 -14.04 -8.64
CA GLY A 172 -13.06 -13.68 -9.58
C GLY A 172 -14.02 -12.62 -9.07
N LEU A 173 -14.08 -12.45 -7.75
CA LEU A 173 -14.96 -11.47 -7.13
C LEU A 173 -14.32 -10.09 -7.04
N ILE A 174 -12.98 -10.04 -7.14
CA ILE A 174 -12.21 -8.84 -6.88
C ILE A 174 -11.58 -8.24 -8.13
N LYS A 175 -12.07 -7.09 -8.58
CA LYS A 175 -11.54 -6.43 -9.78
C LYS A 175 -11.17 -4.97 -9.48
N LEU A 176 -9.92 -4.75 -9.13
CA LEU A 176 -9.45 -3.42 -8.73
C LEU A 176 -9.50 -2.42 -9.89
N LYS A 177 -10.22 -1.32 -9.69
CA LYS A 177 -10.38 -0.33 -10.75
C LYS A 177 -10.16 1.09 -10.20
N LEU A 178 -9.60 1.99 -11.02
CA LEU A 178 -9.43 3.37 -10.59
C LEU A 178 -10.53 4.30 -11.04
N ALA A 179 -11.28 3.88 -12.06
CA ALA A 179 -12.32 4.72 -12.61
C ALA A 179 -13.41 3.88 -13.26
N ALA A 180 -14.51 4.53 -13.62
CA ALA A 180 -15.57 3.88 -14.39
C ALA A 180 -15.05 3.54 -15.77
N GLU A 181 -15.49 2.41 -16.31
CA GLU A 181 -15.12 2.00 -17.66
C GLU A 181 -15.86 2.87 -18.68
N ASN A 182 -15.11 3.44 -19.62
CA ASN A 182 -15.66 4.34 -20.62
C ASN A 182 -15.56 3.74 -22.03
N ALA B 2 -3.91 3.78 0.66
CA ALA B 2 -2.80 3.88 -0.29
C ALA B 2 -2.64 2.59 -1.08
N ILE B 3 -2.14 2.70 -2.30
CA ILE B 3 -1.81 1.56 -3.14
C ILE B 3 -0.34 1.63 -3.50
N PHE B 4 0.34 0.48 -3.54
CA PHE B 4 1.69 0.52 -4.12
C PHE B 4 1.97 -0.81 -4.78
N GLY B 5 2.85 -0.76 -5.78
CA GLY B 5 3.21 -1.96 -6.51
C GLY B 5 3.97 -1.61 -7.76
N GLU B 6 4.42 -2.63 -8.49
CA GLU B 6 5.11 -2.42 -9.76
C GLU B 6 4.16 -1.88 -10.81
N LEU B 7 4.59 -0.84 -11.53
CA LEU B 7 3.79 -0.30 -12.63
C LEU B 7 3.39 -1.41 -13.59
N SER B 8 4.33 -2.31 -13.85
CA SER B 8 4.09 -3.38 -14.83
C SER B 8 3.06 -4.40 -14.34
N SER B 9 2.75 -4.38 -13.05
CA SER B 9 1.72 -5.27 -12.51
C SER B 9 0.39 -4.55 -12.30
N LEU B 10 0.37 -3.25 -12.54
CA LEU B 10 -0.79 -2.42 -12.23
C LEU B 10 -1.47 -1.81 -13.45
N GLY B 11 -1.11 -2.30 -14.64
CA GLY B 11 -1.66 -1.81 -15.89
C GLY B 11 -3.17 -1.94 -15.98
N HIS B 12 -3.70 -3.00 -15.37
CA HIS B 12 -5.14 -3.26 -15.42
C HIS B 12 -5.93 -2.15 -14.74
N LEU B 13 -5.26 -1.37 -13.90
CA LEU B 13 -5.91 -0.25 -13.22
C LEU B 13 -6.30 0.84 -14.22
N PHE B 14 -5.52 0.96 -15.28
CA PHE B 14 -5.67 2.09 -16.21
C PHE B 14 -6.35 1.73 -17.53
N LYS B 15 -6.97 0.56 -17.62
CA LYS B 15 -7.56 0.20 -18.90
C LYS B 15 -9.05 0.46 -18.90
N LYS B 16 -9.59 0.61 -20.12
CA LYS B 16 -11.02 0.76 -20.34
C LYS B 16 -11.55 2.10 -19.83
N THR B 17 -10.66 3.04 -19.54
CA THR B 17 -11.12 4.42 -19.29
C THR B 17 -10.38 5.38 -20.21
N GLN B 18 -11.14 6.20 -20.93
CA GLN B 18 -10.58 7.13 -21.90
C GLN B 18 -9.74 8.23 -21.27
N GLU B 19 -10.20 8.73 -20.14
CA GLU B 19 -9.52 9.84 -19.47
C GLU B 19 -8.14 9.42 -19.00
N LEU B 20 -8.00 8.16 -18.60
CA LEU B 20 -6.76 7.58 -18.09
C LEU B 20 -5.77 7.11 -19.16
N GLU B 21 -6.21 7.05 -20.41
CA GLU B 21 -5.42 6.47 -21.50
C GLU B 21 -4.09 7.17 -21.78
N ILE B 22 -4.10 8.50 -21.86
CA ILE B 22 -2.89 9.26 -22.08
C ILE B 22 -1.95 9.11 -20.88
N LEU B 23 -2.54 9.11 -19.69
CA LEU B 23 -1.78 8.90 -18.45
C LEU B 23 -1.04 7.57 -18.45
N HIS B 24 -1.73 6.48 -18.76
CA HIS B 24 -1.07 5.18 -18.73
C HIS B 24 0.06 5.14 -19.76
N GLU B 25 -0.19 5.70 -20.94
CA GLU B 25 0.81 5.78 -21.99
C GLU B 25 2.02 6.56 -21.52
N TYR B 26 1.76 7.64 -20.78
CA TYR B 26 2.82 8.49 -20.27
C TYR B 26 3.67 7.73 -19.24
N LEU B 27 3.02 7.04 -18.29
CA LEU B 27 3.78 6.27 -17.29
C LEU B 27 4.68 5.22 -17.91
N LYS B 28 4.17 4.53 -18.92
CA LYS B 28 4.95 3.52 -19.60
C LYS B 28 6.10 4.17 -20.40
N GLU B 29 5.83 5.29 -21.07
CA GLU B 29 6.87 5.97 -21.85
C GLU B 29 8.02 6.45 -20.97
N VAL B 30 7.68 7.01 -19.81
CA VAL B 30 8.69 7.55 -18.92
C VAL B 30 9.62 6.44 -18.43
N MET B 31 9.08 5.22 -18.28
CA MET B 31 9.88 4.07 -17.85
C MET B 31 10.69 3.42 -18.98
N GLN B 32 10.37 3.75 -20.22
CA GLN B 32 11.04 3.11 -21.36
C GLN B 32 12.37 3.79 -21.68
N LYS B 33 13.48 3.07 -21.47
CA LYS B 33 14.81 3.63 -21.68
C LYS B 33 14.98 4.21 -23.08
N GLY B 34 15.35 5.48 -23.17
CA GLY B 34 15.66 6.08 -24.46
C GLY B 34 14.51 6.84 -25.07
N SER B 35 13.31 6.71 -24.49
CA SER B 35 12.16 7.45 -24.99
C SER B 35 12.34 8.94 -24.74
N LYS B 36 11.55 9.76 -25.44
CA LYS B 36 11.61 11.21 -25.24
C LYS B 36 11.34 11.59 -23.79
N ALA B 37 10.28 11.02 -23.19
CA ALA B 37 9.92 11.35 -21.81
C ALA B 37 10.99 10.86 -20.86
N ASN B 38 11.48 9.65 -21.09
CA ASN B 38 12.55 9.10 -20.25
C ASN B 38 13.80 9.98 -20.31
N GLN B 39 14.20 10.38 -21.51
CA GLN B 39 15.38 11.24 -21.66
C GLN B 39 15.16 12.59 -20.96
N ARG B 40 13.95 13.13 -21.09
CA ARG B 40 13.65 14.42 -20.45
C ARG B 40 13.77 14.32 -18.94
N VAL B 41 13.16 13.28 -18.37
CA VAL B 41 13.20 13.13 -16.93
C VAL B 41 14.64 12.93 -16.46
N LEU B 42 15.40 12.06 -17.12
CA LEU B 42 16.77 11.79 -16.66
C LEU B 42 17.73 12.95 -16.91
N ASN B 43 17.29 13.93 -17.69
CA ASN B 43 18.08 15.12 -17.96
C ASN B 43 17.78 16.25 -16.97
N LEU B 44 16.82 16.05 -16.06
CA LEU B 44 16.53 17.10 -15.10
C LEU B 44 17.74 17.41 -14.24
N ALA B 45 18.04 18.69 -14.09
CA ALA B 45 19.03 19.13 -13.11
C ALA B 45 18.51 18.83 -11.71
N THR B 46 19.40 18.53 -10.79
CA THR B 46 18.99 18.21 -9.44
C THR B 46 18.26 19.40 -8.80
N ASN B 47 17.20 19.08 -8.05
CA ASN B 47 16.35 20.06 -7.40
C ASN B 47 15.59 20.94 -8.38
N THR B 48 15.21 20.38 -9.52
CA THR B 48 14.33 21.06 -10.44
C THR B 48 13.12 20.19 -10.75
N GLU B 49 12.12 20.81 -11.36
CA GLU B 49 10.95 20.07 -11.79
C GLU B 49 10.42 20.60 -13.10
N PHE B 50 9.59 19.79 -13.75
CA PHE B 50 9.04 20.13 -15.07
C PHE B 50 7.65 19.56 -15.17
N GLN B 51 6.69 20.37 -15.60
CA GLN B 51 5.30 19.94 -15.65
C GLN B 51 4.85 19.60 -17.07
N VAL B 52 4.13 18.48 -17.16
CA VAL B 52 3.64 17.94 -18.42
C VAL B 52 2.13 17.79 -18.36
N PRO B 53 1.39 18.48 -19.23
CA PRO B 53 -0.08 18.33 -19.23
C PRO B 53 -0.54 17.01 -19.86
N LEU B 54 -1.52 16.35 -19.24
CA LEU B 54 -1.96 15.05 -19.73
C LEU B 54 -3.44 14.98 -20.07
N GLY B 55 -4.13 16.12 -20.06
CA GLY B 55 -5.55 16.16 -20.38
C GLY B 55 -6.43 15.86 -19.18
N HIS B 56 -7.71 16.24 -19.29
CA HIS B 56 -8.73 15.94 -18.28
C HIS B 56 -8.35 16.38 -16.87
N GLY B 57 -7.54 17.43 -16.78
CA GLY B 57 -7.11 17.97 -15.50
C GLY B 57 -5.91 17.26 -14.88
N ILE B 58 -5.41 16.23 -15.56
CA ILE B 58 -4.25 15.45 -15.13
C ILE B 58 -2.95 16.10 -15.60
N PHE B 59 -1.93 16.14 -14.74
CA PHE B 59 -0.62 16.62 -15.16
C PHE B 59 0.48 15.92 -14.40
N SER B 60 1.66 15.86 -14.98
CA SER B 60 2.79 15.24 -14.31
C SER B 60 3.80 16.27 -13.86
N ILE B 61 4.30 16.11 -12.63
CA ILE B 61 5.41 16.91 -12.14
C ILE B 61 6.64 16.02 -12.13
N GLU B 62 7.49 16.19 -13.13
CA GLU B 62 8.73 15.42 -13.24
C GLU B 62 9.77 16.11 -12.37
N GLN B 63 10.51 15.32 -11.59
CA GLN B 63 11.39 15.92 -10.60
C GLN B 63 12.62 15.08 -10.35
N SER B 64 13.69 15.74 -9.89
CA SER B 64 14.88 15.06 -9.45
C SER B 64 15.40 15.72 -8.20
N TYR B 65 15.83 14.91 -7.24
CA TYR B 65 16.39 15.45 -6.01
C TYR B 65 17.12 14.34 -5.27
N CYS B 66 17.90 14.72 -4.26
CA CYS B 66 18.54 13.76 -3.37
C CYS B 66 17.69 13.47 -2.15
N LEU B 67 17.88 12.29 -1.57
CA LEU B 67 17.15 11.94 -0.37
C LEU B 67 17.68 12.76 0.82
N GLU B 68 16.78 13.10 1.74
CA GLU B 68 17.08 14.02 2.83
C GLU B 68 17.01 13.46 4.25
N HIS B 69 16.03 12.59 4.50
CA HIS B 69 15.66 12.21 5.86
C HIS B 69 15.95 10.75 6.17
N ALA B 70 16.63 10.50 7.28
CA ALA B 70 16.82 9.13 7.76
C ALA B 70 15.46 8.54 8.13
N LYS B 71 15.23 7.29 7.77
CA LYS B 71 13.94 6.67 8.07
C LYS B 71 13.71 6.57 9.57
N GLU B 72 14.79 6.35 10.32
CA GLU B 72 14.71 6.32 11.77
C GLU B 72 14.93 7.71 12.35
N SER B 73 14.07 8.65 11.97
CA SER B 73 14.17 10.01 12.48
C SER B 73 12.77 10.60 12.60
N GLU B 74 12.68 11.79 13.18
CA GLU B 74 11.41 12.50 13.33
C GLU B 74 11.23 13.52 12.20
N LYS B 75 12.08 13.45 11.18
CA LYS B 75 12.03 14.42 10.10
C LYS B 75 11.08 14.03 8.97
N GLY B 76 10.98 14.91 7.98
CA GLY B 76 10.09 14.68 6.85
C GLY B 76 8.88 15.61 6.82
N PHE B 77 8.43 15.88 5.60
CA PHE B 77 7.31 16.77 5.35
C PHE B 77 6.05 15.93 5.13
N PHE B 78 5.20 15.84 6.15
CA PHE B 78 4.00 15.01 6.06
C PHE B 78 2.82 15.83 5.55
N GLU B 79 2.23 15.37 4.45
CA GLU B 79 1.22 16.14 3.72
C GLU B 79 0.08 15.27 3.20
N SER B 80 -1.06 15.90 2.94
CA SER B 80 -2.12 15.26 2.17
C SER B 80 -2.80 16.30 1.28
N HIS B 81 -3.61 15.81 0.35
CA HIS B 81 -4.25 16.66 -0.64
C HIS B 81 -5.76 16.44 -0.65
N LYS B 82 -6.48 17.33 -1.33
CA LYS B 82 -7.91 17.15 -1.53
C LYS B 82 -8.30 17.09 -3.02
N LYS B 83 -7.82 18.03 -3.81
CA LYS B 83 -8.23 18.08 -5.21
C LYS B 83 -7.67 16.91 -6.02
N TYR B 84 -6.45 16.49 -5.67
CA TYR B 84 -5.73 15.54 -6.50
C TYR B 84 -5.35 14.29 -5.77
N VAL B 85 -5.28 13.23 -6.56
CA VAL B 85 -4.66 11.96 -6.19
C VAL B 85 -3.24 11.97 -6.75
N ASP B 86 -2.26 11.54 -5.95
CA ASP B 86 -0.87 11.39 -6.40
C ASP B 86 -0.63 10.03 -6.99
N PHE B 87 -0.01 10.00 -8.17
CA PHE B 87 0.59 8.79 -8.73
C PHE B 87 2.08 8.99 -8.72
N GLN B 88 2.78 8.41 -7.76
CA GLN B 88 4.20 8.62 -7.64
C GLN B 88 4.97 7.47 -8.27
N LEU B 89 5.69 7.77 -9.34
CA LEU B 89 6.41 6.77 -10.10
C LEU B 89 7.91 7.03 -10.01
N ILE B 90 8.67 6.07 -9.49
CA ILE B 90 10.12 6.23 -9.43
C ILE B 90 10.71 5.79 -10.77
N VAL B 91 11.44 6.69 -11.42
CA VAL B 91 12.02 6.39 -12.72
C VAL B 91 13.45 5.87 -12.61
N LYS B 92 14.21 6.44 -11.68
CA LYS B 92 15.56 5.95 -11.44
C LYS B 92 15.93 6.20 -9.99
N GLY B 93 16.52 5.18 -9.34
CA GLY B 93 16.89 5.31 -7.94
C GLY B 93 15.92 4.60 -7.01
N VAL B 94 16.03 4.91 -5.73
CA VAL B 94 15.15 4.33 -4.73
C VAL B 94 14.72 5.46 -3.79
N GLU B 95 13.44 5.48 -3.41
CA GLU B 95 12.96 6.48 -2.45
C GLU B 95 12.14 5.83 -1.36
N GLY B 96 12.34 6.30 -0.13
CA GLY B 96 11.51 5.88 0.98
C GLY B 96 10.34 6.84 1.17
N ALA B 97 9.14 6.28 1.33
CA ALA B 97 7.95 7.06 1.62
C ALA B 97 7.30 6.56 2.88
N LYS B 98 6.88 7.47 3.75
CA LYS B 98 6.09 7.08 4.90
C LYS B 98 4.63 7.42 4.64
N ALA B 99 3.74 6.56 5.09
CA ALA B 99 2.31 6.77 4.89
C ALA B 99 1.51 6.44 6.13
N VAL B 100 0.57 7.31 6.46
CA VAL B 100 -0.30 7.09 7.60
C VAL B 100 -1.67 7.71 7.29
N GLY B 101 -2.73 7.17 7.87
CA GLY B 101 -4.05 7.74 7.63
C GLY B 101 -4.17 9.13 8.23
N ILE B 102 -4.88 10.02 7.55
CA ILE B 102 -4.99 11.39 8.03
C ILE B 102 -5.68 11.48 9.40
N ASN B 103 -6.53 10.51 9.73
CA ASN B 103 -7.20 10.54 11.03
C ASN B 103 -6.28 10.12 12.19
N GLN B 104 -5.08 9.64 11.85
CA GLN B 104 -4.09 9.28 12.86
C GLN B 104 -3.02 10.37 12.99
N ALA B 105 -3.12 11.38 12.13
CA ALA B 105 -2.11 12.43 12.10
C ALA B 105 -2.64 13.74 12.69
N VAL B 106 -1.72 14.58 13.16
CA VAL B 106 -2.09 15.87 13.74
C VAL B 106 -1.88 16.99 12.74
N ILE B 107 -2.93 17.76 12.45
CA ILE B 107 -2.80 18.88 11.50
C ILE B 107 -1.97 20.01 12.09
N LYS B 108 -0.97 20.43 11.31
CA LYS B 108 -0.08 21.54 11.63
C LYS B 108 -0.52 22.79 10.87
N ASN B 109 -0.71 22.64 9.56
CA ASN B 109 -1.24 23.71 8.74
C ASN B 109 -2.50 23.23 8.04
N PRO B 110 -3.64 23.87 8.31
CA PRO B 110 -4.90 23.47 7.69
C PRO B 110 -4.87 23.61 6.19
N TYR B 111 -5.83 23.00 5.52
CA TYR B 111 -5.88 22.97 4.06
C TYR B 111 -5.69 24.35 3.41
N ASP B 112 -4.73 24.39 2.49
CA ASP B 112 -4.42 25.54 1.66
C ASP B 112 -4.87 25.20 0.25
N GLU B 113 -5.94 25.84 -0.20
CA GLU B 113 -6.55 25.45 -1.47
C GLU B 113 -5.65 25.72 -2.66
N LYS B 114 -4.94 26.85 -2.66
CA LYS B 114 -4.07 27.19 -3.78
C LYS B 114 -2.98 26.13 -3.97
N ARG B 115 -2.49 25.57 -2.87
CA ARG B 115 -1.40 24.60 -2.91
C ARG B 115 -1.93 23.18 -2.81
N ASP B 116 -3.24 23.06 -2.62
CA ASP B 116 -3.92 21.77 -2.43
C ASP B 116 -3.19 20.91 -1.38
N LEU B 117 -3.02 21.47 -0.20
CA LEU B 117 -2.08 20.92 0.76
C LEU B 117 -2.58 21.08 2.20
N ILE B 118 -2.54 19.97 2.95
CA ILE B 118 -2.60 19.97 4.41
C ILE B 118 -1.26 19.49 4.93
N VAL B 119 -0.72 20.15 5.95
CA VAL B 119 0.56 19.74 6.53
C VAL B 119 0.33 19.15 7.91
N TYR B 120 0.97 18.03 8.21
CA TYR B 120 0.83 17.35 9.49
C TYR B 120 2.12 17.33 10.29
N GLU B 121 2.00 17.14 11.61
CA GLU B 121 3.16 16.83 12.44
C GLU B 121 3.67 15.46 12.01
N PRO B 122 4.98 15.23 12.13
CA PRO B 122 5.53 13.94 11.69
C PRO B 122 4.99 12.74 12.49
N VAL B 123 4.82 11.63 11.78
CA VAL B 123 4.56 10.33 12.39
C VAL B 123 5.71 9.37 12.03
N SER B 124 6.76 9.32 12.83
CA SER B 124 7.97 8.60 12.44
C SER B 124 7.81 7.10 12.30
N GLU B 125 6.87 6.52 13.03
CA GLU B 125 6.72 5.06 13.06
C GLU B 125 5.76 4.56 12.00
N ALA B 126 5.33 5.46 11.12
CA ALA B 126 4.40 5.15 10.03
C ALA B 126 4.86 3.96 9.18
N SER B 127 3.94 3.42 8.37
CA SER B 127 4.34 2.45 7.35
C SER B 127 5.39 3.06 6.44
N PHE B 128 6.33 2.23 6.00
CA PHE B 128 7.46 2.67 5.20
C PHE B 128 7.47 1.94 3.87
N LEU B 129 7.32 2.67 2.78
CA LEU B 129 7.34 2.07 1.45
C LEU B 129 8.70 2.28 0.81
N ARG B 130 9.32 1.19 0.37
CA ARG B 130 10.60 1.24 -0.30
C ARG B 130 10.33 1.20 -1.80
N LEU B 131 10.38 2.37 -2.43
CA LEU B 131 9.97 2.52 -3.81
C LEU B 131 11.18 2.55 -4.74
N HIS B 132 11.49 1.42 -5.36
CA HIS B 132 12.58 1.37 -6.33
C HIS B 132 12.05 1.71 -7.72
N ALA B 133 12.96 1.86 -8.68
CA ALA B 133 12.58 2.27 -10.03
C ALA B 133 11.54 1.32 -10.61
N GLY B 134 10.47 1.89 -11.14
CA GLY B 134 9.40 1.10 -11.73
C GLY B 134 8.23 0.90 -10.78
N MET B 135 8.40 1.29 -9.52
N MET B 135 8.43 1.26 -9.51
CA MET B 135 7.32 1.18 -8.54
CA MET B 135 7.34 1.22 -8.53
C MET B 135 6.45 2.43 -8.50
C MET B 135 6.42 2.42 -8.64
N LEU B 136 5.15 2.18 -8.30
CA LEU B 136 4.14 3.22 -8.29
C LEU B 136 3.52 3.23 -6.92
N ALA B 137 3.41 4.41 -6.30
CA ALA B 137 2.63 4.54 -5.08
C ALA B 137 1.52 5.54 -5.36
N ILE B 138 0.31 5.19 -4.97
CA ILE B 138 -0.84 6.04 -5.20
C ILE B 138 -1.40 6.50 -3.86
N PHE B 139 -1.42 7.82 -3.66
CA PHE B 139 -1.90 8.38 -2.41
C PHE B 139 -3.18 9.17 -2.63
N PHE B 140 -4.23 8.78 -1.92
CA PHE B 140 -5.55 9.41 -1.99
C PHE B 140 -5.72 10.39 -0.83
N GLU B 141 -6.88 11.04 -0.77
CA GLU B 141 -7.16 12.07 0.22
C GLU B 141 -6.94 11.62 1.66
N ASN B 142 -7.19 10.34 1.95
CA ASN B 142 -7.03 9.85 3.32
C ASN B 142 -5.61 9.40 3.66
N ASP B 143 -4.72 9.47 2.68
CA ASP B 143 -3.34 9.04 2.85
C ASP B 143 -2.39 10.22 3.10
N ALA B 144 -1.99 10.46 4.35
CA ALA B 144 -0.93 11.41 4.63
C ALA B 144 0.40 10.74 4.27
N HIS B 145 1.30 11.48 3.66
CA HIS B 145 2.52 10.88 3.16
C HIS B 145 3.68 11.84 3.27
N ALA B 146 4.88 11.28 3.43
CA ALA B 146 6.10 12.06 3.53
C ALA B 146 7.16 11.37 2.70
N LEU B 147 7.87 12.15 1.91
CA LEU B 147 8.80 11.58 0.94
C LEU B 147 10.25 11.88 1.30
N ARG B 148 11.17 11.44 0.45
CA ARG B 148 12.60 11.81 0.52
C ARG B 148 13.33 11.15 1.68
N PHE B 149 12.84 9.99 2.10
CA PHE B 149 13.56 9.21 3.11
C PHE B 149 14.60 8.29 2.49
N TYR B 150 15.72 8.11 3.19
CA TYR B 150 16.68 7.06 2.84
C TYR B 150 16.71 5.99 3.92
N GLY B 151 17.03 4.76 3.51
CA GLY B 151 17.32 3.67 4.42
C GLY B 151 18.75 3.22 4.16
N GLU B 152 19.29 2.40 5.05
CA GLU B 152 20.71 2.06 4.95
C GLU B 152 21.07 1.37 3.64
N SER B 153 20.14 0.59 3.11
CA SER B 153 20.39 -0.16 1.87
C SER B 153 20.40 0.71 0.61
N PHE B 154 19.92 1.95 0.71
CA PHE B 154 19.96 2.82 -0.47
C PHE B 154 20.41 4.23 -0.10
N GLU B 155 21.37 4.30 0.82
CA GLU B 155 21.85 5.57 1.34
C GLU B 155 22.59 6.40 0.29
N LYS B 156 23.03 5.76 -0.79
CA LYS B 156 23.81 6.46 -1.80
C LYS B 156 22.99 7.55 -2.47
N TYR B 157 21.67 7.48 -2.36
CA TYR B 157 20.85 8.49 -3.01
C TYR B 157 20.73 9.75 -2.15
N ARG B 158 21.48 9.81 -1.05
CA ARG B 158 21.67 11.08 -0.34
C ARG B 158 22.56 12.03 -1.15
N GLU B 159 23.41 11.46 -2.00
CA GLU B 159 24.37 12.26 -2.78
C GLU B 159 24.22 12.08 -4.29
N GLU B 160 23.56 10.99 -4.68
CA GLU B 160 23.20 10.73 -6.07
C GLU B 160 21.70 10.96 -6.23
N PRO B 161 21.29 11.83 -7.15
CA PRO B 161 19.86 12.15 -7.23
C PRO B 161 18.99 10.99 -7.72
N ILE B 162 17.74 10.96 -7.25
CA ILE B 162 16.71 10.11 -7.84
C ILE B 162 15.92 10.90 -8.87
N PHE B 163 15.17 10.17 -9.68
CA PHE B 163 14.33 10.74 -10.72
C PHE B 163 12.97 10.12 -10.61
N LYS B 164 11.93 10.94 -10.73
CA LYS B 164 10.57 10.47 -10.53
C LYS B 164 9.57 11.36 -11.24
N ALA B 165 8.35 10.85 -11.35
CA ALA B 165 7.22 11.68 -11.78
C ALA B 165 6.14 11.58 -10.72
N VAL B 166 5.58 12.73 -10.35
CA VAL B 166 4.40 12.73 -9.50
C VAL B 166 3.24 13.20 -10.37
N VAL B 167 2.36 12.27 -10.71
CA VAL B 167 1.20 12.62 -11.50
C VAL B 167 0.05 13.01 -10.59
N LYS B 168 -0.52 14.17 -10.88
CA LYS B 168 -1.68 14.68 -10.15
C LYS B 168 -2.92 14.45 -10.99
N ALA B 169 -3.89 13.69 -10.47
CA ALA B 169 -5.14 13.45 -11.17
C ALA B 169 -6.31 13.90 -10.29
N PRO B 170 -7.28 14.64 -10.86
CA PRO B 170 -8.43 15.09 -10.08
C PRO B 170 -9.17 13.92 -9.44
N LYS B 171 -9.47 14.02 -8.15
CA LYS B 171 -10.12 12.91 -7.45
C LYS B 171 -11.47 12.57 -8.07
N GLY B 172 -12.12 13.53 -8.73
CA GLY B 172 -13.40 13.25 -9.36
C GLY B 172 -13.31 12.18 -10.44
N LEU B 173 -12.11 12.02 -11.03
CA LEU B 173 -11.90 11.02 -12.06
C LEU B 173 -11.53 9.69 -11.47
N ILE B 174 -10.88 9.74 -10.31
CA ILE B 174 -10.27 8.56 -9.73
C ILE B 174 -11.11 8.11 -8.55
N LYS B 175 -11.86 7.02 -8.75
CA LYS B 175 -12.73 6.47 -7.74
C LYS B 175 -12.41 4.99 -7.58
N LEU B 176 -11.54 4.71 -6.62
CA LEU B 176 -11.04 3.36 -6.40
C LEU B 176 -12.14 2.41 -5.93
N LYS B 177 -12.33 1.33 -6.69
CA LYS B 177 -13.33 0.31 -6.38
C LYS B 177 -12.78 -1.10 -6.61
N LEU B 178 -13.34 -2.06 -5.87
CA LEU B 178 -12.95 -3.45 -6.04
C LEU B 178 -13.89 -4.10 -7.06
N ALA B 179 -14.70 -3.26 -7.71
CA ALA B 179 -15.64 -3.68 -8.75
C ALA B 179 -15.70 -2.62 -9.85
N ALA B 180 -16.08 -3.03 -11.05
CA ALA B 180 -16.12 -2.13 -12.19
C ALA B 180 -17.53 -1.64 -12.50
#